data_2ZNC
#
_entry.id   2ZNC
#
_cell.length_a   53.500
_cell.length_b   85.200
_cell.length_c   121.900
_cell.angle_alpha   90.00
_cell.angle_beta   90.00
_cell.angle_gamma   90.00
#
_symmetry.space_group_name_H-M   'C 2 2 21'
#
loop_
_entity.id
_entity.type
_entity.pdbx_description
1 polymer 'CARBONIC ANHYDRASE IV'
2 non-polymer 'ZINC ION'
3 water water
#
_entity_poly.entity_id   1
_entity_poly.type   'polypeptide(L)'
_entity_poly.pdbx_seq_one_letter_code
;WCYEIQTEDPRSSCLGPEKWPGACKENQQSPINIVTARTKVNPRLTPFILVGYDQKQQWPIKNNQHTVEMTLGGGACIIG
GDLPARYEAVQLHLHWSNGNDNGSEHSIDGRHFAMEMHIVHKKLTSSKEDSKDKFAVLAFMIEVGDKVNKGFQPLVEALP
SISKPHSTSTVRESSLQDMLPPSTKMYTYFRYNGSLTTPNCDETVIWTVYKQPIKIHKNQFLEFSKNLYYDEDQKLNMKD
NVRPLQPLGKRQVFKSHA
;
_entity_poly.pdbx_strand_id   A
#
# COMPACT_ATOMS: atom_id res chain seq x y z
N TRP A 1 10.81 12.19 10.60
CA TRP A 1 9.37 11.84 10.75
C TRP A 1 9.22 10.38 11.13
N CYS A 2 8.14 10.08 11.83
CA CYS A 2 7.88 8.73 12.28
C CYS A 2 6.39 8.60 12.55
N TYR A 3 5.92 7.36 12.67
CA TYR A 3 4.51 7.13 12.96
C TYR A 3 4.25 7.28 14.45
N GLU A 4 2.99 7.48 14.81
CA GLU A 4 2.57 7.66 16.20
C GLU A 4 3.28 6.70 17.17
N ILE A 5 3.22 5.41 16.86
CA ILE A 5 3.83 4.39 17.72
C ILE A 5 5.31 4.64 18.03
N GLN A 6 6.02 5.30 17.11
CA GLN A 6 7.44 5.58 17.30
C GLN A 6 7.74 6.72 18.28
N THR A 7 6.75 7.54 18.58
CA THR A 7 6.93 8.66 19.52
C THR A 7 6.46 8.28 20.92
N GLU A 8 6.32 6.99 21.18
CA GLU A 8 5.88 6.57 22.51
C GLU A 8 7.04 6.30 23.45
N ASP A 9 8.25 6.22 22.92
CA ASP A 9 9.43 5.98 23.73
C ASP A 9 9.78 7.27 24.48
N PRO A 10 9.96 7.17 25.81
CA PRO A 10 10.30 8.32 26.64
C PRO A 10 11.46 9.15 26.08
N ARG A 11 12.48 8.47 25.56
CA ARG A 11 13.62 9.18 24.99
C ARG A 11 13.43 9.21 23.47
N SER A 12 14.41 9.75 22.77
CA SER A 12 14.36 9.84 21.30
C SER A 12 12.99 10.22 20.69
N SER A 13 12.60 11.48 20.87
CA SER A 13 11.35 11.95 20.29
C SER A 13 11.67 12.44 18.88
N CYS A 14 10.67 12.35 18.00
CA CYS A 14 10.80 12.77 16.60
C CYS A 14 9.42 13.19 16.11
N LEU A 15 9.34 13.71 14.89
CA LEU A 15 8.08 14.20 14.32
C LEU A 15 6.96 13.17 14.05
N GLY A 16 5.91 13.22 14.86
CA GLY A 16 4.78 12.33 14.66
C GLY A 16 3.98 12.84 13.47
N PRO A 17 2.99 12.07 12.99
CA PRO A 17 2.14 12.44 11.84
C PRO A 17 1.54 13.84 11.93
N GLU A 18 1.15 14.22 13.15
CA GLU A 18 0.55 15.54 13.37
C GLU A 18 1.57 16.68 13.26
N LYS A 19 2.84 16.34 13.10
CA LYS A 19 3.89 17.36 13.00
C LYS A 19 4.78 17.12 11.77
N TRP A 20 4.18 16.57 10.71
CA TRP A 20 4.94 16.28 9.48
C TRP A 20 5.13 17.53 8.64
N PRO A 21 6.35 17.72 8.10
CA PRO A 21 6.71 18.87 7.27
C PRO A 21 6.10 18.77 5.85
N GLY A 22 6.74 19.48 4.90
CA GLY A 22 6.30 19.47 3.52
C GLY A 22 4.83 19.76 3.27
N ALA A 23 4.29 19.11 2.24
CA ALA A 23 2.89 19.29 1.86
C ALA A 23 1.93 18.46 2.72
N CYS A 24 2.45 17.87 3.80
CA CYS A 24 1.65 17.02 4.68
C CYS A 24 0.43 17.71 5.30
N LYS A 25 0.52 19.02 5.51
CA LYS A 25 -0.57 19.81 6.11
C LYS A 25 -1.57 20.38 5.09
N GLU A 26 -1.34 20.11 3.80
CA GLU A 26 -2.21 20.63 2.74
C GLU A 26 -3.66 20.17 2.72
N ASN A 27 -4.40 20.64 1.73
CA ASN A 27 -5.83 20.34 1.58
C ASN A 27 -6.22 18.96 1.07
N GLN A 28 -5.70 18.55 -0.08
CA GLN A 28 -6.04 17.24 -0.65
C GLN A 28 -5.07 16.18 -0.14
N GLN A 29 -5.39 15.49 0.96
CA GLN A 29 -4.49 14.47 1.49
C GLN A 29 -5.05 13.04 1.50
N SER A 30 -4.17 12.08 1.78
CA SER A 30 -4.54 10.67 1.83
C SER A 30 -3.86 10.05 3.07
N PRO A 31 -4.43 8.97 3.63
CA PRO A 31 -5.64 8.24 3.22
C PRO A 31 -6.95 9.01 3.39
N ILE A 32 -8.04 8.33 3.04
CA ILE A 32 -9.38 8.89 3.08
C ILE A 32 -10.34 7.75 3.44
N ASN A 33 -11.60 8.08 3.70
CA ASN A 33 -12.61 7.06 4.00
C ASN A 33 -13.60 7.08 2.84
N ILE A 34 -13.78 5.95 2.18
CA ILE A 34 -14.69 5.90 1.03
C ILE A 34 -16.11 5.58 1.44
N VAL A 35 -17.02 6.48 1.16
CA VAL A 35 -18.42 6.28 1.44
C VAL A 35 -19.09 5.83 0.14
N THR A 36 -19.18 4.52 -0.04
CA THR A 36 -19.76 3.92 -1.23
C THR A 36 -20.98 4.62 -1.85
N ALA A 37 -21.97 4.96 -1.05
CA ALA A 37 -23.19 5.60 -1.55
C ALA A 37 -23.04 7.04 -2.10
N ARG A 38 -21.95 7.71 -1.76
CA ARG A 38 -21.73 9.07 -2.24
C ARG A 38 -20.81 9.13 -3.44
N THR A 39 -20.31 7.97 -3.88
CA THR A 39 -19.42 7.92 -5.04
C THR A 39 -20.17 8.06 -6.36
N LYS A 40 -19.58 8.80 -7.29
CA LYS A 40 -20.18 9.02 -8.60
C LYS A 40 -19.59 8.02 -9.57
N VAL A 41 -20.41 7.51 -10.48
CA VAL A 41 -19.94 6.55 -11.47
C VAL A 41 -19.29 7.27 -12.65
N ASN A 42 -18.26 6.65 -13.21
CA ASN A 42 -17.56 7.18 -14.38
C ASN A 42 -17.22 5.99 -15.28
N PRO A 43 -17.94 5.86 -16.41
CA PRO A 43 -17.77 4.78 -17.39
C PRO A 43 -16.33 4.54 -17.86
N ARG A 44 -15.57 5.60 -18.00
CA ARG A 44 -14.17 5.53 -18.45
C ARG A 44 -13.26 4.70 -17.54
N LEU A 45 -13.68 4.50 -16.30
CA LEU A 45 -12.89 3.71 -15.34
C LEU A 45 -13.00 2.21 -15.63
N THR A 46 -12.50 1.80 -16.80
CA THR A 46 -12.50 0.40 -17.19
C THR A 46 -11.24 -0.26 -16.62
N PRO A 47 -11.23 -1.60 -16.48
CA PRO A 47 -10.07 -2.32 -15.93
C PRO A 47 -8.75 -1.91 -16.59
N PHE A 48 -7.70 -1.86 -15.79
CA PHE A 48 -6.36 -1.48 -16.26
C PHE A 48 -5.77 -2.56 -17.15
N ILE A 49 -4.82 -2.15 -17.98
CA ILE A 49 -4.11 -3.07 -18.85
C ILE A 49 -2.79 -3.33 -18.14
N LEU A 50 -2.61 -4.56 -17.66
CA LEU A 50 -1.41 -4.95 -16.92
C LEU A 50 -0.33 -5.47 -17.84
N VAL A 51 0.73 -4.70 -18.01
CA VAL A 51 1.84 -5.11 -18.87
C VAL A 51 3.04 -5.56 -18.04
N GLY A 52 3.44 -6.81 -18.21
CA GLY A 52 4.59 -7.32 -17.47
C GLY A 52 4.35 -7.87 -16.07
N TYR A 53 3.10 -7.91 -15.63
CA TYR A 53 2.76 -8.45 -14.31
C TYR A 53 2.88 -9.96 -14.32
N ASP A 54 2.82 -10.57 -15.50
CA ASP A 54 2.90 -12.03 -15.64
C ASP A 54 4.33 -12.57 -15.71
N GLN A 55 5.32 -11.68 -15.64
CA GLN A 55 6.71 -12.08 -15.70
C GLN A 55 7.29 -12.42 -14.33
N LYS A 56 7.73 -13.67 -14.17
CA LYS A 56 8.35 -14.11 -12.91
C LYS A 56 9.74 -13.51 -12.84
N GLN A 57 10.12 -13.01 -11.67
CA GLN A 57 11.44 -12.40 -11.48
C GLN A 57 11.93 -12.58 -10.06
N GLN A 58 13.14 -12.11 -9.82
CA GLN A 58 13.72 -12.15 -8.50
C GLN A 58 13.61 -10.70 -8.13
N TRP A 59 12.74 -10.39 -7.18
CA TRP A 59 12.52 -9.01 -6.79
C TRP A 59 13.38 -8.61 -5.62
N PRO A 60 14.19 -7.55 -5.78
CA PRO A 60 15.04 -7.10 -4.68
C PRO A 60 14.21 -6.31 -3.66
N ILE A 61 14.28 -6.73 -2.39
CA ILE A 61 13.54 -6.09 -1.30
C ILE A 61 14.49 -5.45 -0.26
N LYS A 62 13.91 -4.73 0.70
CA LYS A 62 14.69 -4.10 1.74
C LYS A 62 13.75 -3.51 2.80
N ASN A 63 14.26 -3.37 4.02
CA ASN A 63 13.50 -2.77 5.12
C ASN A 63 13.94 -1.32 5.03
N ASN A 64 13.09 -0.43 4.52
CA ASN A 64 13.48 0.96 4.39
C ASN A 64 13.24 1.81 5.63
N GLN A 65 13.22 1.17 6.80
CA GLN A 65 13.01 1.88 8.06
C GLN A 65 11.54 2.27 8.28
N HIS A 66 10.70 2.02 7.28
CA HIS A 66 9.28 2.37 7.40
C HIS A 66 8.35 1.24 6.96
N THR A 67 8.89 0.32 6.17
CA THR A 67 8.13 -0.81 5.68
C THR A 67 9.05 -1.67 4.84
N VAL A 68 8.50 -2.70 4.23
CA VAL A 68 9.25 -3.57 3.34
C VAL A 68 8.99 -3.00 1.95
N GLU A 69 10.04 -2.52 1.30
CA GLU A 69 9.95 -1.94 -0.02
C GLU A 69 10.52 -2.94 -1.03
N MET A 70 9.68 -3.32 -1.98
CA MET A 70 10.07 -4.27 -3.03
C MET A 70 10.22 -3.46 -4.33
N THR A 71 11.45 -3.38 -4.84
CA THR A 71 11.73 -2.61 -6.06
C THR A 71 11.31 -3.35 -7.35
N LEU A 72 10.55 -2.66 -8.21
CA LEU A 72 10.09 -3.23 -9.48
C LEU A 72 10.84 -2.66 -10.72
N GLY A 73 11.30 -1.42 -10.60
CA GLY A 73 12.08 -0.77 -11.66
C GLY A 73 11.54 -0.64 -13.07
N GLY A 74 10.24 -0.87 -13.26
CA GLY A 74 9.67 -0.76 -14.59
C GLY A 74 9.60 -2.07 -15.35
N GLY A 75 9.78 -3.20 -14.65
CA GLY A 75 9.69 -4.50 -15.30
C GLY A 75 8.25 -4.69 -15.76
N ALA A 76 7.35 -3.86 -15.24
CA ALA A 76 5.93 -3.90 -15.56
C ALA A 76 5.37 -2.48 -15.57
N CYS A 77 4.20 -2.29 -16.17
CA CYS A 77 3.56 -0.98 -16.21
C CYS A 77 2.07 -1.11 -16.52
N ILE A 78 1.34 -0.02 -16.34
CA ILE A 78 -0.10 -0.01 -16.60
C ILE A 78 -0.41 1.05 -17.65
N ILE A 79 -1.41 0.77 -18.47
CA ILE A 79 -1.83 1.70 -19.52
C ILE A 79 -3.34 1.76 -19.40
N GLY A 80 -3.94 2.86 -19.82
CA GLY A 80 -5.39 2.96 -19.76
C GLY A 80 -5.97 3.29 -18.40
N GLY A 81 -7.17 2.77 -18.11
CA GLY A 81 -7.82 3.05 -16.85
C GLY A 81 -8.03 4.54 -16.66
N ASP A 82 -8.40 5.23 -17.75
CA ASP A 82 -8.64 6.66 -17.74
C ASP A 82 -7.46 7.47 -17.17
N LEU A 83 -6.28 6.88 -17.20
CA LEU A 83 -5.08 7.56 -16.72
C LEU A 83 -4.64 8.49 -17.84
N PRO A 84 -3.97 9.61 -17.50
CA PRO A 84 -3.50 10.60 -18.48
C PRO A 84 -2.47 10.05 -19.47
N ALA A 85 -1.61 9.16 -19.00
CA ALA A 85 -0.57 8.57 -19.83
C ALA A 85 -0.27 7.16 -19.31
N ARG A 86 0.86 6.60 -19.76
CA ARG A 86 1.26 5.26 -19.35
C ARG A 86 2.13 5.40 -18.11
N TYR A 87 1.93 4.53 -17.13
CA TYR A 87 2.68 4.56 -15.90
C TYR A 87 3.56 3.33 -15.67
N GLU A 88 4.83 3.57 -15.35
CA GLU A 88 5.79 2.51 -15.12
C GLU A 88 5.77 2.09 -13.65
N ALA A 89 5.71 0.80 -13.37
CA ALA A 89 5.68 0.31 -11.98
C ALA A 89 7.04 0.40 -11.32
N VAL A 90 7.21 1.36 -10.42
CA VAL A 90 8.48 1.53 -9.72
C VAL A 90 8.71 0.69 -8.46
N GLN A 91 7.80 0.76 -7.49
CA GLN A 91 7.94 -0.01 -6.24
C GLN A 91 6.63 -0.47 -5.62
N LEU A 92 6.75 -1.33 -4.61
CA LEU A 92 5.60 -1.91 -3.90
C LEU A 92 5.94 -2.00 -2.42
N HIS A 93 4.95 -1.79 -1.56
CA HIS A 93 5.13 -1.87 -0.11
C HIS A 93 3.79 -2.09 0.57
N LEU A 94 3.79 -2.21 1.90
CA LEU A 94 2.55 -2.43 2.63
C LEU A 94 2.49 -1.65 3.94
N HIS A 95 1.28 -1.54 4.49
CA HIS A 95 1.03 -0.86 5.76
C HIS A 95 0.21 -1.88 6.53
N TRP A 96 0.52 -2.09 7.81
CA TRP A 96 -0.19 -3.08 8.61
C TRP A 96 -0.26 -2.73 10.09
N SER A 97 -0.97 -3.55 10.85
CA SER A 97 -1.11 -3.30 12.27
C SER A 97 -1.09 -4.54 13.16
N ASN A 98 -1.85 -4.50 14.25
CA ASN A 98 -1.90 -5.58 15.24
C ASN A 98 -2.94 -6.68 14.96
N GLY A 99 -4.10 -6.31 14.44
CA GLY A 99 -5.14 -7.31 14.20
C GLY A 99 -5.82 -7.30 12.84
N ASN A 100 -6.92 -8.05 12.74
CA ASN A 100 -7.67 -8.18 11.50
C ASN A 100 -8.36 -6.89 11.04
N ASP A 101 -8.45 -5.91 11.92
CA ASP A 101 -9.05 -4.63 11.57
C ASP A 101 -8.09 -3.52 12.01
N ASN A 102 -8.36 -2.29 11.56
CA ASN A 102 -7.50 -1.15 11.89
C ASN A 102 -6.04 -1.31 11.44
N GLY A 103 -5.84 -2.01 10.33
CA GLY A 103 -4.50 -2.22 9.79
C GLY A 103 -4.29 -1.57 8.43
N SER A 104 -5.39 -1.26 7.73
CA SER A 104 -5.31 -0.63 6.42
C SER A 104 -5.44 0.87 6.59
N GLU A 105 -4.77 1.64 5.74
CA GLU A 105 -4.84 3.09 5.81
C GLU A 105 -6.21 3.62 5.36
N HIS A 106 -6.62 3.30 4.14
CA HIS A 106 -7.93 3.74 3.65
C HIS A 106 -8.95 2.87 4.36
N SER A 107 -10.22 3.17 4.15
CA SER A 107 -11.29 2.38 4.73
C SER A 107 -12.46 2.47 3.76
N ILE A 108 -13.25 1.41 3.69
CA ILE A 108 -14.41 1.40 2.80
C ILE A 108 -15.61 1.31 3.73
N ASP A 109 -16.30 2.45 3.87
CA ASP A 109 -17.48 2.59 4.73
C ASP A 109 -17.09 2.43 6.20
N GLY A 110 -16.00 3.09 6.59
CA GLY A 110 -15.53 3.03 7.96
C GLY A 110 -14.89 1.71 8.39
N ARG A 111 -14.76 0.77 7.47
CA ARG A 111 -14.16 -0.51 7.80
C ARG A 111 -12.69 -0.58 7.37
N HIS A 112 -11.81 -0.92 8.30
CA HIS A 112 -10.38 -1.05 7.99
C HIS A 112 -10.08 -2.55 7.93
N PHE A 113 -9.08 -2.91 7.13
CA PHE A 113 -8.68 -4.30 6.96
C PHE A 113 -7.34 -4.54 7.66
N ALA A 114 -6.79 -5.74 7.51
CA ALA A 114 -5.53 -6.11 8.15
C ALA A 114 -4.30 -5.38 7.63
N MET A 115 -4.18 -5.28 6.30
CA MET A 115 -3.03 -4.61 5.70
C MET A 115 -3.48 -3.88 4.46
N GLU A 116 -2.55 -3.14 3.85
CA GLU A 116 -2.83 -2.43 2.61
C GLU A 116 -1.54 -2.44 1.81
N MET A 117 -1.63 -2.92 0.57
CA MET A 117 -0.48 -2.98 -0.32
C MET A 117 -0.53 -1.85 -1.32
N HIS A 118 0.59 -1.17 -1.49
CA HIS A 118 0.67 -0.05 -2.42
C HIS A 118 1.63 -0.29 -3.57
N ILE A 119 1.13 -0.16 -4.79
CA ILE A 119 1.96 -0.32 -5.97
C ILE A 119 2.08 1.07 -6.59
N VAL A 120 3.26 1.66 -6.47
CA VAL A 120 3.52 3.00 -6.98
C VAL A 120 3.97 2.97 -8.43
N HIS A 121 3.44 3.88 -9.23
CA HIS A 121 3.78 3.98 -10.65
C HIS A 121 4.19 5.41 -10.99
N LYS A 122 5.33 5.54 -11.64
CA LYS A 122 5.88 6.83 -12.04
C LYS A 122 5.34 7.14 -13.45
N LYS A 123 4.78 8.34 -13.63
CA LYS A 123 4.26 8.71 -14.94
C LYS A 123 5.37 8.68 -15.97
N LEU A 124 5.20 7.88 -17.00
CA LEU A 124 6.20 7.77 -18.06
C LEU A 124 5.92 8.84 -19.11
N LYS A 134 0.93 12.17 -11.95
CA LYS A 134 2.38 12.03 -11.74
C LYS A 134 2.64 10.66 -11.16
N PHE A 135 1.86 10.30 -10.14
CA PHE A 135 1.97 9.00 -9.51
C PHE A 135 0.63 8.31 -9.59
N ALA A 136 0.65 7.04 -9.96
CA ALA A 136 -0.54 6.24 -10.04
C ALA A 136 -0.25 5.16 -9.00
N VAL A 137 -1.03 5.14 -7.93
CA VAL A 137 -0.84 4.15 -6.89
C VAL A 137 -2.06 3.23 -6.85
N LEU A 138 -1.82 1.93 -7.03
CA LEU A 138 -2.89 0.93 -6.99
C LEU A 138 -2.85 0.39 -5.56
N ALA A 139 -3.92 0.63 -4.81
CA ALA A 139 -4.01 0.18 -3.43
C ALA A 139 -4.97 -1.01 -3.28
N PHE A 140 -4.48 -2.05 -2.63
CA PHE A 140 -5.27 -3.24 -2.40
C PHE A 140 -5.39 -3.47 -0.91
N MET A 141 -6.54 -3.96 -0.47
CA MET A 141 -6.75 -4.24 0.95
C MET A 141 -6.45 -5.71 1.13
N ILE A 142 -5.91 -6.07 2.29
CA ILE A 142 -5.62 -7.47 2.55
C ILE A 142 -6.40 -7.94 3.75
N GLU A 143 -7.03 -9.09 3.61
CA GLU A 143 -7.85 -9.69 4.66
C GLU A 143 -7.18 -10.97 5.13
N VAL A 144 -7.33 -11.28 6.42
CA VAL A 144 -6.75 -12.50 6.94
C VAL A 144 -7.76 -13.64 6.82
N GLY A 145 -7.30 -14.80 6.37
CA GLY A 145 -8.17 -15.94 6.19
C GLY A 145 -7.59 -17.24 6.73
N ASP A 146 -8.30 -18.33 6.45
CA ASP A 146 -7.90 -19.65 6.89
C ASP A 146 -7.15 -20.41 5.81
N LYS A 147 -6.88 -19.75 4.68
CA LYS A 147 -6.17 -20.38 3.58
C LYS A 147 -4.83 -19.72 3.32
N VAL A 148 -3.81 -20.54 3.03
CA VAL A 148 -2.48 -20.04 2.73
C VAL A 148 -2.53 -19.47 1.32
N ASN A 149 -1.95 -18.29 1.14
CA ASN A 149 -1.91 -17.65 -0.16
C ASN A 149 -0.51 -17.88 -0.74
N LYS A 150 -0.39 -18.83 -1.68
CA LYS A 150 0.89 -19.15 -2.31
C LYS A 150 1.61 -17.94 -2.92
N GLY A 151 0.83 -17.05 -3.53
CA GLY A 151 1.38 -15.85 -4.16
C GLY A 151 2.15 -14.94 -3.22
N PHE A 152 1.81 -14.95 -1.93
CA PHE A 152 2.49 -14.12 -0.93
C PHE A 152 3.67 -14.83 -0.25
N GLN A 153 3.83 -16.13 -0.50
CA GLN A 153 4.92 -16.91 0.10
C GLN A 153 6.34 -16.40 -0.12
N PRO A 154 6.67 -15.97 -1.36
CA PRO A 154 8.02 -15.47 -1.62
C PRO A 154 8.40 -14.28 -0.71
N LEU A 155 7.47 -13.35 -0.54
CA LEU A 155 7.69 -12.16 0.29
C LEU A 155 7.84 -12.55 1.76
N VAL A 156 6.94 -13.41 2.23
CA VAL A 156 6.96 -13.86 3.61
C VAL A 156 8.29 -14.52 3.98
N GLU A 157 8.74 -15.44 3.13
CA GLU A 157 10.00 -16.15 3.33
C GLU A 157 11.24 -15.25 3.40
N ALA A 158 11.20 -14.13 2.69
CA ALA A 158 12.31 -13.18 2.66
C ALA A 158 12.33 -12.14 3.77
N LEU A 159 11.28 -12.11 4.61
CA LEU A 159 11.21 -11.16 5.72
C LEU A 159 12.29 -11.41 6.77
N PRO A 160 12.48 -12.68 7.17
CA PRO A 160 13.49 -12.99 8.18
C PRO A 160 14.88 -12.41 7.85
N SER A 161 15.12 -12.10 6.58
CA SER A 161 16.39 -11.53 6.12
C SER A 161 16.48 -10.00 6.26
N ILE A 162 15.35 -9.31 6.09
CA ILE A 162 15.35 -7.84 6.20
C ILE A 162 14.82 -7.35 7.54
N SER A 163 15.09 -8.13 8.58
CA SER A 163 14.66 -7.81 9.95
C SER A 163 15.17 -6.44 10.40
N LYS A 164 16.45 -6.20 10.16
CA LYS A 164 17.12 -4.96 10.54
C LYS A 164 16.86 -3.84 9.53
N PRO A 165 16.70 -2.59 10.00
CA PRO A 165 16.46 -1.47 9.11
C PRO A 165 17.59 -1.34 8.07
N HIS A 166 17.21 -1.03 6.84
CA HIS A 166 18.14 -0.85 5.72
C HIS A 166 18.74 -2.15 5.18
N SER A 167 18.30 -3.28 5.72
CA SER A 167 18.79 -4.57 5.25
C SER A 167 18.31 -4.71 3.81
N THR A 168 19.00 -5.53 3.03
CA THR A 168 18.67 -5.77 1.64
C THR A 168 18.66 -7.28 1.44
N SER A 169 17.82 -7.76 0.53
CA SER A 169 17.74 -9.18 0.24
C SER A 169 17.06 -9.35 -1.12
N THR A 170 16.64 -10.56 -1.44
CA THR A 170 15.99 -10.85 -2.71
C THR A 170 14.90 -11.89 -2.51
N VAL A 171 13.82 -11.73 -3.27
CA VAL A 171 12.68 -12.63 -3.25
C VAL A 171 12.79 -13.59 -4.43
N ARG A 172 12.58 -14.88 -4.17
CA ARG A 172 12.69 -15.90 -5.22
C ARG A 172 11.71 -15.63 -6.36
N GLU A 173 12.02 -16.19 -7.53
CA GLU A 173 11.23 -16.01 -8.74
C GLU A 173 9.71 -16.07 -8.58
N SER A 174 9.07 -14.92 -8.78
CA SER A 174 7.63 -14.78 -8.67
C SER A 174 7.14 -13.58 -9.50
N SER A 175 5.84 -13.49 -9.74
CA SER A 175 5.30 -12.40 -10.53
C SER A 175 4.32 -11.57 -9.72
N LEU A 176 4.14 -10.32 -10.15
CA LEU A 176 3.24 -9.42 -9.47
C LEU A 176 1.82 -9.96 -9.52
N GLN A 177 1.48 -10.62 -10.63
CA GLN A 177 0.16 -11.20 -10.86
C GLN A 177 -0.35 -12.11 -9.73
N ASP A 178 0.48 -13.05 -9.28
CA ASP A 178 0.12 -14.01 -8.23
C ASP A 178 -0.20 -13.40 -6.86
N MET A 179 0.19 -12.14 -6.65
CA MET A 179 -0.07 -11.46 -5.39
C MET A 179 -1.44 -10.77 -5.43
N LEU A 180 -1.88 -10.40 -6.63
CA LEU A 180 -3.15 -9.71 -6.82
C LEU A 180 -4.32 -10.69 -6.94
N PRO A 181 -5.55 -10.21 -6.66
CA PRO A 181 -6.70 -11.11 -6.77
C PRO A 181 -6.98 -11.33 -8.27
N PRO A 182 -7.70 -12.41 -8.62
CA PRO A 182 -8.02 -12.71 -10.02
C PRO A 182 -8.59 -11.51 -10.79
N SER A 183 -8.37 -11.48 -12.11
CA SER A 183 -8.83 -10.40 -12.95
C SER A 183 -10.36 -10.18 -12.93
N THR A 184 -11.11 -11.25 -12.73
CA THR A 184 -12.56 -11.13 -12.68
C THR A 184 -13.01 -10.34 -11.43
N LYS A 185 -12.08 -10.12 -10.51
CA LYS A 185 -12.32 -9.39 -9.27
C LYS A 185 -11.74 -7.96 -9.34
N MET A 186 -11.09 -7.63 -10.44
CA MET A 186 -10.50 -6.30 -10.61
C MET A 186 -11.36 -5.37 -11.49
N TYR A 187 -12.66 -5.52 -11.37
CA TYR A 187 -13.62 -4.70 -12.10
C TYR A 187 -13.99 -3.48 -11.25
N THR A 188 -14.32 -3.73 -9.99
CA THR A 188 -14.76 -2.71 -9.05
C THR A 188 -13.66 -2.01 -8.26
N TYR A 189 -13.55 -0.70 -8.46
CA TYR A 189 -12.56 0.10 -7.74
C TYR A 189 -13.01 1.56 -7.59
N PHE A 190 -12.30 2.30 -6.75
CA PHE A 190 -12.60 3.71 -6.47
C PHE A 190 -11.41 4.56 -6.92
N ARG A 191 -11.69 5.73 -7.46
CA ARG A 191 -10.65 6.63 -7.97
C ARG A 191 -10.80 8.04 -7.43
N TYR A 192 -9.69 8.63 -7.00
CA TYR A 192 -9.71 10.00 -6.49
C TYR A 192 -8.30 10.61 -6.48
N ASN A 193 -8.23 11.93 -6.57
CA ASN A 193 -6.97 12.64 -6.54
C ASN A 193 -6.51 12.72 -5.10
N GLY A 194 -5.21 12.63 -4.86
CA GLY A 194 -4.71 12.70 -3.50
C GLY A 194 -3.21 12.93 -3.43
N SER A 195 -2.57 12.25 -2.48
CA SER A 195 -1.14 12.40 -2.27
C SER A 195 -0.55 11.15 -1.64
N LEU A 196 0.79 11.16 -1.49
CA LEU A 196 1.51 10.07 -0.84
C LEU A 196 1.07 10.14 0.62
N THR A 197 1.15 9.03 1.34
CA THR A 197 0.75 9.01 2.73
C THR A 197 1.97 9.04 3.66
N THR A 198 3.09 9.51 3.12
CA THR A 198 4.35 9.62 3.85
C THR A 198 5.05 10.89 3.35
N PRO A 199 5.72 11.64 4.24
CA PRO A 199 6.41 12.88 3.85
C PRO A 199 7.20 12.68 2.55
N ASN A 200 7.27 13.69 1.69
CA ASN A 200 6.66 15.02 1.89
C ASN A 200 5.17 15.16 1.51
N CYS A 201 4.45 14.04 1.37
CA CYS A 201 3.04 14.02 1.05
C CYS A 201 2.67 14.82 -0.20
N ASP A 202 3.41 14.62 -1.28
CA ASP A 202 3.17 15.34 -2.52
C ASP A 202 1.76 15.04 -3.04
N GLU A 203 0.99 16.10 -3.30
CA GLU A 203 -0.38 15.96 -3.82
C GLU A 203 -0.39 15.76 -5.36
N THR A 204 0.31 14.74 -5.80
CA THR A 204 0.42 14.44 -7.22
C THR A 204 0.15 12.96 -7.43
N VAL A 205 -0.91 12.47 -6.81
CA VAL A 205 -1.26 11.06 -6.94
C VAL A 205 -2.68 10.81 -7.41
N ILE A 206 -2.86 9.82 -8.26
CA ILE A 206 -4.16 9.42 -8.77
C ILE A 206 -4.33 8.07 -8.09
N TRP A 207 -5.30 7.96 -7.19
CA TRP A 207 -5.53 6.71 -6.46
C TRP A 207 -6.57 5.79 -7.05
N THR A 208 -6.30 4.49 -6.95
CA THR A 208 -7.20 3.46 -7.41
C THR A 208 -7.19 2.45 -6.28
N VAL A 209 -8.27 2.44 -5.49
CA VAL A 209 -8.40 1.52 -4.36
C VAL A 209 -9.41 0.45 -4.77
N TYR A 210 -9.00 -0.80 -4.80
CA TYR A 210 -9.89 -1.89 -5.21
C TYR A 210 -10.81 -2.40 -4.11
N LYS A 211 -12.03 -2.72 -4.49
CA LYS A 211 -13.04 -3.23 -3.56
C LYS A 211 -12.71 -4.62 -3.03
N GLN A 212 -12.39 -5.54 -3.93
CA GLN A 212 -12.06 -6.92 -3.54
C GLN A 212 -10.68 -7.06 -2.88
N PRO A 213 -10.64 -7.50 -1.61
CA PRO A 213 -9.37 -7.66 -0.91
C PRO A 213 -8.63 -8.97 -1.25
N ILE A 214 -7.33 -9.01 -0.98
CA ILE A 214 -6.51 -10.20 -1.22
C ILE A 214 -6.51 -10.96 0.10
N LYS A 215 -6.64 -12.27 0.06
CA LYS A 215 -6.66 -13.06 1.29
C LYS A 215 -5.42 -13.89 1.57
N ILE A 216 -4.81 -13.67 2.74
CA ILE A 216 -3.62 -14.42 3.17
C ILE A 216 -3.88 -15.08 4.54
N HIS A 217 -3.11 -16.13 4.86
CA HIS A 217 -3.27 -16.84 6.12
C HIS A 217 -2.79 -16.01 7.32
N LYS A 218 -3.33 -16.32 8.50
CA LYS A 218 -2.98 -15.62 9.73
C LYS A 218 -1.47 -15.68 10.01
N ASN A 219 -0.85 -16.81 9.70
CA ASN A 219 0.59 -17.01 9.93
C ASN A 219 1.46 -16.22 8.98
N GLN A 220 0.95 -15.95 7.78
CA GLN A 220 1.70 -15.15 6.82
C GLN A 220 1.56 -13.70 7.30
N PHE A 221 0.39 -13.38 7.86
CA PHE A 221 0.13 -12.04 8.38
C PHE A 221 1.07 -11.70 9.54
N LEU A 222 0.98 -12.49 10.61
CA LEU A 222 1.80 -12.29 11.80
C LEU A 222 3.30 -12.24 11.52
N GLU A 223 3.72 -12.88 10.44
CA GLU A 223 5.13 -12.92 10.06
C GLU A 223 5.75 -11.55 9.84
N PHE A 224 4.95 -10.58 9.40
CA PHE A 224 5.46 -9.24 9.16
C PHE A 224 5.97 -8.54 10.42
N SER A 225 5.09 -8.32 11.40
CA SER A 225 5.48 -7.65 12.63
C SER A 225 6.47 -8.43 13.50
N LYS A 226 6.45 -9.75 13.37
CA LYS A 226 7.35 -10.60 14.14
C LYS A 226 8.79 -10.49 13.62
N ASN A 227 8.95 -10.22 12.32
CA ASN A 227 10.27 -10.12 11.70
C ASN A 227 10.87 -8.76 11.46
N LEU A 228 10.04 -7.77 11.15
CA LEU A 228 10.52 -6.42 10.87
C LEU A 228 10.67 -5.55 12.09
N TYR A 229 11.69 -4.69 12.08
CA TYR A 229 11.96 -3.76 13.19
C TYR A 229 12.15 -2.32 12.66
N TYR A 230 11.77 -1.36 13.49
CA TYR A 230 11.89 0.05 13.15
C TYR A 230 13.31 0.59 13.42
N ASP A 231 13.93 0.09 14.49
CA ASP A 231 15.24 0.56 14.90
C ASP A 231 16.41 -0.44 14.87
N GLU A 232 17.63 0.11 14.83
CA GLU A 232 18.87 -0.66 14.81
C GLU A 232 18.96 -1.72 15.92
N ASP A 233 18.72 -1.31 17.16
CA ASP A 233 18.80 -2.23 18.30
C ASP A 233 17.71 -3.30 18.30
N GLN A 234 16.81 -3.22 17.31
CA GLN A 234 15.71 -4.16 17.15
C GLN A 234 14.85 -4.33 18.39
N LYS A 235 14.41 -3.20 18.92
CA LYS A 235 13.57 -3.15 20.12
C LYS A 235 12.09 -2.94 19.78
N LEU A 236 11.82 -2.20 18.71
CA LEU A 236 10.44 -1.95 18.29
C LEU A 236 10.08 -2.72 17.04
N ASN A 237 9.18 -3.70 17.18
CA ASN A 237 8.73 -4.47 16.03
C ASN A 237 7.92 -3.54 15.13
N MET A 238 7.99 -3.76 13.83
CA MET A 238 7.27 -2.91 12.89
C MET A 238 5.79 -3.22 12.72
N LYS A 239 4.95 -2.29 13.15
CA LYS A 239 3.50 -2.39 13.04
C LYS A 239 2.94 -1.00 13.28
N ASP A 240 1.66 -0.81 12.94
CA ASP A 240 0.99 0.49 13.09
C ASP A 240 1.73 1.56 12.29
N ASN A 241 2.22 1.17 11.12
CA ASN A 241 2.93 2.08 10.23
C ASN A 241 1.93 2.67 9.26
N VAL A 242 0.80 3.12 9.82
CA VAL A 242 -0.28 3.71 9.04
C VAL A 242 -0.49 5.15 9.46
N ARG A 243 -0.95 5.96 8.52
CA ARG A 243 -1.22 7.36 8.74
C ARG A 243 -2.73 7.46 8.96
N PRO A 244 -3.17 8.29 9.92
CA PRO A 244 -4.61 8.43 10.16
C PRO A 244 -5.34 9.11 8.99
N LEU A 245 -6.63 8.81 8.89
CA LEU A 245 -7.51 9.33 7.85
C LEU A 245 -7.45 10.85 7.71
N GLN A 246 -7.45 11.31 6.46
CA GLN A 246 -7.42 12.73 6.16
C GLN A 246 -8.79 13.21 5.72
N PRO A 247 -9.10 14.49 5.93
CA PRO A 247 -10.40 15.04 5.53
C PRO A 247 -10.62 15.07 4.01
N LEU A 248 -11.81 14.63 3.57
CA LEU A 248 -12.13 14.61 2.15
C LEU A 248 -12.04 15.96 1.45
N GLY A 249 -12.48 17.01 2.13
CA GLY A 249 -12.44 18.33 1.53
C GLY A 249 -13.51 18.51 0.47
N LYS A 250 -13.12 18.96 -0.72
CA LYS A 250 -14.05 19.22 -1.81
C LYS A 250 -14.15 18.14 -2.89
N ARG A 251 -13.04 17.45 -3.14
CA ARG A 251 -12.96 16.43 -4.19
C ARG A 251 -14.01 15.33 -4.10
N GLN A 252 -14.25 14.68 -5.23
CA GLN A 252 -15.21 13.60 -5.34
C GLN A 252 -14.50 12.27 -5.53
N VAL A 253 -15.14 11.20 -5.07
CA VAL A 253 -14.59 9.86 -5.21
C VAL A 253 -15.48 9.09 -6.17
N PHE A 254 -14.86 8.54 -7.22
CA PHE A 254 -15.57 7.80 -8.26
C PHE A 254 -15.52 6.30 -8.11
N LYS A 255 -16.52 5.64 -8.69
CA LYS A 255 -16.65 4.20 -8.66
C LYS A 255 -16.72 3.76 -10.12
N SER A 256 -15.99 2.70 -10.44
CA SER A 256 -15.97 2.17 -11.79
C SER A 256 -17.34 1.59 -12.17
N HIS A 257 -18.03 1.02 -11.19
CA HIS A 257 -19.33 0.40 -11.39
C HIS A 257 -20.53 1.34 -11.43
N ALA A 258 -21.58 0.90 -12.14
CA ALA A 258 -22.81 1.67 -12.24
C ALA A 258 -23.84 1.05 -11.27
#